data_4J2K
#
_entry.id   4J2K
#
_cell.length_a   160.700
_cell.length_b   34.900
_cell.length_c   65.500
_cell.angle_alpha   90.00
_cell.angle_beta   107.70
_cell.angle_gamma   90.00
#
_symmetry.space_group_name_H-M   'C 1 2 1'
#
loop_
_entity.id
_entity.type
_entity.pdbx_description
1 polymer 'Trypsin inhibitor'
2 non-polymer IMIDAZOLE
3 non-polymer GLYCEROL
4 water water
#
_entity_poly.entity_id   1
_entity_poly.type   'polypeptide(L)'
_entity_poly.pdbx_seq_one_letter_code
;KELLDSDGDILRNGGTYYILPALRGKGGGLELAKTGDETCPLNVVQARSETKRGRPAIIWTPPRIAILTPAFYLNIEFQT
RDLPACLEEYSRLPWKVEGESQEVKIAPKEEEQHLFGSFKIKPYRDDYKLVYCEGNSDDDSCKDLGISIDDENNRLLVVK
DGDPLAVRFVKAHRRG
;
_entity_poly.pdbx_strand_id   A,B
#
loop_
_chem_comp.id
_chem_comp.type
_chem_comp.name
_chem_comp.formula
GOL non-polymer GLYCEROL 'C3 H8 O3'
IMD non-polymer IMIDAZOLE 'C3 H5 N2 1'
#
# COMPACT_ATOMS: atom_id res chain seq x y z
N LYS A 1 4.99 12.02 14.73
CA LYS A 1 4.66 10.61 14.64
C LYS A 1 4.93 10.05 13.24
N GLU A 2 6.19 10.07 12.85
CA GLU A 2 6.63 9.26 11.74
C GLU A 2 6.85 7.88 12.35
N LEU A 3 6.87 6.85 11.51
CA LEU A 3 7.39 5.54 11.91
C LEU A 3 8.91 5.60 11.92
N LEU A 4 9.52 5.36 13.08
CA LEU A 4 10.96 5.51 13.23
C LEU A 4 11.56 4.17 13.64
N ASP A 5 12.77 3.91 13.17
CA ASP A 5 13.49 2.77 13.71
C ASP A 5 14.11 3.18 15.04
N SER A 6 14.81 2.27 15.70
CA SER A 6 15.25 2.52 17.05
C SER A 6 16.29 3.63 17.12
N ASP A 7 16.95 3.92 16.00
CA ASP A 7 17.93 5.01 15.96
C ASP A 7 17.25 6.37 15.82
N GLY A 8 15.99 6.36 15.38
CA GLY A 8 15.30 7.62 15.10
C GLY A 8 15.20 7.93 13.61
N ASP A 9 15.65 7.02 12.75
CA ASP A 9 15.49 7.20 11.31
C ASP A 9 14.12 6.71 10.83
N ILE A 10 13.51 7.44 9.90
CA ILE A 10 12.22 6.98 9.36
C ILE A 10 12.36 5.63 8.63
N LEU A 11 11.39 4.74 8.86
CA LEU A 11 11.41 3.41 8.27
C LEU A 11 11.43 3.54 6.74
N ARG A 12 12.27 2.75 6.08
CA ARG A 12 12.44 2.85 4.61
C ARG A 12 11.58 1.78 3.93
N ASN A 13 10.92 2.18 2.86
CA ASN A 13 10.18 1.22 2.03
C ASN A 13 11.16 0.23 1.42
N GLY A 14 11.07 -1.03 1.79
CA GLY A 14 12.06 -2.01 1.37
C GLY A 14 13.24 -2.17 2.32
N GLY A 15 13.21 -1.46 3.44
CA GLY A 15 14.27 -1.58 4.42
C GLY A 15 14.17 -2.89 5.20
N THR A 16 15.30 -3.29 5.76
CA THR A 16 15.41 -4.56 6.48
C THR A 16 15.63 -4.27 7.98
N TYR A 17 14.80 -4.83 8.82
CA TYR A 17 14.82 -4.53 10.25
C TYR A 17 14.60 -5.78 11.09
N TYR A 18 15.33 -5.89 12.18
CA TYR A 18 14.90 -6.80 13.23
C TYR A 18 13.66 -6.22 13.88
N ILE A 19 12.72 -7.10 14.20
CA ILE A 19 11.53 -6.65 14.89
C ILE A 19 11.69 -7.14 16.34
N LEU A 20 11.95 -6.21 17.24
CA LEU A 20 12.33 -6.59 18.60
C LEU A 20 11.22 -6.18 19.54
N PRO A 21 11.10 -6.89 20.68
CA PRO A 21 10.07 -6.45 21.61
C PRO A 21 10.42 -5.10 22.22
N ALA A 22 9.41 -4.28 22.41
CA ALA A 22 9.56 -3.02 23.13
C ALA A 22 9.66 -3.25 24.66
N LEU A 23 9.05 -4.33 25.14
CA LEU A 23 9.04 -4.63 26.55
C LEU A 23 10.04 -5.75 26.89
N ARG A 24 10.52 -5.74 28.11
CA ARG A 24 11.46 -6.76 28.55
C ARG A 24 10.71 -7.94 29.17
N GLY A 25 11.39 -9.07 29.28
CA GLY A 25 10.95 -10.15 30.13
C GLY A 25 10.14 -11.28 29.52
N LYS A 26 9.70 -11.13 28.28
CA LYS A 26 8.79 -12.13 27.70
C LYS A 26 9.36 -12.82 26.46
N GLY A 27 10.58 -12.51 26.07
CA GLY A 27 11.13 -13.10 24.86
C GLY A 27 11.85 -12.08 24.00
N GLY A 28 12.37 -12.54 22.86
CA GLY A 28 13.24 -11.73 22.02
C GLY A 28 12.59 -11.34 20.71
N GLY A 29 13.40 -11.21 19.66
CA GLY A 29 12.93 -10.80 18.36
C GLY A 29 12.13 -11.86 17.61
N LEU A 30 11.58 -11.48 16.47
CA LEU A 30 10.75 -12.42 15.70
C LEU A 30 11.63 -13.29 14.86
N GLU A 31 11.27 -14.57 14.76
CA GLU A 31 11.99 -15.49 13.91
C GLU A 31 11.06 -16.61 13.41
N LEU A 32 11.63 -17.68 12.87
CA LEU A 32 10.82 -18.77 12.37
C LEU A 32 10.91 -19.96 13.31
N ALA A 33 9.81 -20.70 13.42
CA ALA A 33 9.83 -21.96 14.17
C ALA A 33 8.90 -22.98 13.56
N LYS A 34 9.30 -24.24 13.74
CA LYS A 34 8.53 -25.37 13.32
C LYS A 34 7.52 -25.59 14.45
N THR A 35 6.23 -25.66 14.12
CA THR A 35 5.19 -25.80 15.16
C THR A 35 4.24 -26.93 14.80
N GLY A 36 3.63 -27.52 15.82
CA GLY A 36 2.77 -28.68 15.61
C GLY A 36 3.53 -29.79 14.93
N ASP A 37 3.13 -30.08 13.70
CA ASP A 37 3.56 -31.28 12.99
C ASP A 37 4.43 -31.01 11.75
N GLU A 38 4.45 -29.76 11.29
CA GLU A 38 5.18 -29.40 10.07
C GLU A 38 6.66 -29.77 10.16
N THR A 39 7.27 -30.14 9.02
CA THR A 39 8.68 -30.55 9.09
C THR A 39 9.58 -29.37 8.79
N CYS A 40 8.95 -28.25 8.42
CA CYS A 40 9.67 -27.06 7.98
C CYS A 40 9.20 -25.90 8.87
N PRO A 41 10.15 -25.07 9.36
CA PRO A 41 9.76 -23.95 10.25
C PRO A 41 8.97 -22.84 9.53
N LEU A 42 7.64 -22.92 9.55
CA LEU A 42 6.79 -22.01 8.78
C LEU A 42 6.07 -20.96 9.63
N ASN A 43 6.10 -21.12 10.94
CA ASN A 43 5.43 -20.15 11.82
C ASN A 43 6.33 -18.97 12.19
N VAL A 44 5.78 -17.77 12.13
CA VAL A 44 6.46 -16.61 12.72
C VAL A 44 6.27 -16.65 14.23
N VAL A 45 7.37 -16.59 14.97
CA VAL A 45 7.27 -16.65 16.42
C VAL A 45 8.19 -15.63 17.04
N GLN A 46 7.97 -15.36 18.32
CA GLN A 46 8.91 -14.59 19.10
C GLN A 46 9.91 -15.56 19.73
N ALA A 47 11.21 -15.28 19.59
CA ALA A 47 12.24 -16.09 20.23
C ALA A 47 11.99 -16.13 21.74
N ARG A 48 12.21 -17.31 22.36
CA ARG A 48 11.94 -17.45 23.79
C ARG A 48 12.99 -16.70 24.60
N SER A 49 14.22 -16.67 24.09
CA SER A 49 15.27 -15.96 24.80
C SER A 49 15.26 -14.45 24.51
N GLU A 50 15.34 -13.68 25.58
CA GLU A 50 15.43 -12.23 25.52
C GLU A 50 16.66 -11.75 24.75
N THR A 51 17.67 -12.61 24.69
CA THR A 51 18.97 -12.27 24.11
C THR A 51 18.97 -12.34 22.58
N LYS A 52 17.94 -12.96 22.00
CA LYS A 52 17.92 -13.21 20.56
C LYS A 52 17.22 -12.09 19.81
N ARG A 53 17.85 -11.57 18.76
CA ARG A 53 17.19 -10.55 17.95
C ARG A 53 16.35 -11.17 16.82
N GLY A 54 16.53 -12.47 16.60
CA GLY A 54 15.73 -13.16 15.60
C GLY A 54 16.21 -12.88 14.18
N ARG A 55 15.27 -12.90 13.25
CA ARG A 55 15.59 -12.89 11.83
C ARG A 55 15.08 -11.57 11.26
N PRO A 56 15.92 -10.89 10.46
CA PRO A 56 15.48 -9.59 9.95
C PRO A 56 14.33 -9.77 8.95
N ALA A 57 13.47 -8.76 8.88
CA ALA A 57 12.30 -8.73 8.02
C ALA A 57 12.46 -7.56 7.08
N ILE A 58 12.05 -7.78 5.84
CA ILE A 58 12.02 -6.73 4.83
C ILE A 58 10.60 -6.26 4.82
N ILE A 59 10.41 -4.95 4.88
CA ILE A 59 9.08 -4.40 4.97
C ILE A 59 8.90 -3.45 3.81
N TRP A 60 7.85 -3.65 3.01
CA TRP A 60 7.70 -2.83 1.82
C TRP A 60 6.25 -2.70 1.34
N THR A 61 5.98 -1.64 0.60
CA THR A 61 4.65 -1.43 0.05
C THR A 61 4.85 -1.19 -1.44
N PRO A 62 3.87 -1.56 -2.27
CA PRO A 62 4.10 -1.43 -3.71
C PRO A 62 4.34 0.02 -4.18
N PRO A 63 3.65 1.02 -3.60
CA PRO A 63 3.99 2.38 -4.04
C PRO A 63 5.49 2.65 -4.01
N ARG A 64 6.01 3.23 -5.09
CA ARG A 64 7.46 3.41 -5.21
C ARG A 64 7.89 4.71 -4.52
N ILE A 65 7.67 4.75 -3.22
CA ILE A 65 8.01 5.87 -2.37
C ILE A 65 9.11 5.43 -1.42
N ALA A 66 9.79 6.39 -0.82
CA ALA A 66 11.03 6.08 -0.11
C ALA A 66 10.81 5.57 1.31
N ILE A 67 9.79 6.08 1.98
CA ILE A 67 9.58 5.76 3.40
C ILE A 67 8.20 5.17 3.64
N LEU A 68 7.98 4.71 4.86
CA LEU A 68 6.73 4.09 5.25
C LEU A 68 6.03 4.98 6.28
N THR A 69 4.71 4.94 6.31
CA THR A 69 3.90 5.64 7.30
C THR A 69 2.81 4.67 7.75
N PRO A 70 2.09 5.00 8.83
CA PRO A 70 1.02 4.10 9.31
C PRO A 70 -0.09 3.89 8.31
N ALA A 71 -0.14 4.69 7.23
CA ALA A 71 -1.26 4.61 6.30
C ALA A 71 -1.05 3.56 5.20
N PHE A 72 0.19 3.08 5.05
CA PHE A 72 0.52 2.19 3.94
C PHE A 72 0.30 0.71 4.28
N TYR A 73 -0.22 -0.04 3.30
CA TYR A 73 -0.38 -1.48 3.42
C TYR A 73 0.93 -2.17 3.11
N LEU A 74 1.40 -2.97 4.06
CA LEU A 74 2.73 -3.51 3.97
C LEU A 74 2.79 -5.01 3.72
N ASN A 75 3.74 -5.38 2.87
CA ASN A 75 4.27 -6.72 2.79
C ASN A 75 5.37 -6.84 3.81
N ILE A 76 5.38 -7.94 4.54
CA ILE A 76 6.48 -8.21 5.44
C ILE A 76 7.05 -9.57 5.07
N GLU A 77 8.36 -9.67 4.93
CA GLU A 77 8.91 -10.98 4.60
C GLU A 77 10.19 -11.16 5.35
N PHE A 78 10.55 -12.39 5.67
CA PHE A 78 11.83 -12.63 6.33
C PHE A 78 12.97 -12.63 5.33
N GLN A 79 14.04 -11.94 5.68
CA GLN A 79 15.29 -12.04 4.93
C GLN A 79 15.75 -13.50 4.91
N THR A 80 16.44 -13.91 3.86
CA THR A 80 16.66 -15.33 3.61
C THR A 80 18.06 -15.85 3.85
N ARG A 81 18.81 -15.25 4.74
CA ARG A 81 20.18 -15.75 5.01
C ARG A 81 20.21 -16.90 5.99
N ASP A 82 21.16 -17.80 5.81
CA ASP A 82 21.37 -18.86 6.74
C ASP A 82 20.13 -19.67 7.06
N LEU A 83 19.43 -20.14 6.03
CA LEU A 83 18.13 -20.77 6.24
C LEU A 83 18.30 -22.26 6.45
N PRO A 84 17.34 -22.89 7.13
CA PRO A 84 17.40 -24.36 7.15
C PRO A 84 17.24 -24.94 5.75
N ALA A 85 17.65 -26.19 5.58
CA ALA A 85 17.68 -26.85 4.28
C ALA A 85 16.33 -26.82 3.53
N CYS A 86 15.24 -26.91 4.27
CA CYS A 86 13.91 -27.05 3.66
C CYS A 86 13.36 -25.71 3.19
N LEU A 87 14.09 -24.63 3.45
CA LEU A 87 13.68 -23.31 2.99
C LEU A 87 14.69 -22.70 2.02
N GLU A 88 15.85 -23.35 1.88
CA GLU A 88 16.93 -22.81 1.03
C GLU A 88 16.55 -22.58 -0.43
N GLU A 89 15.55 -23.31 -0.90
CA GLU A 89 15.16 -23.22 -2.30
C GLU A 89 14.33 -21.98 -2.59
N TYR A 90 13.97 -21.22 -1.55
CA TYR A 90 13.11 -20.06 -1.80
C TYR A 90 13.89 -18.77 -1.69
N SER A 91 13.53 -17.80 -2.53
CA SER A 91 14.24 -16.55 -2.52
C SER A 91 13.45 -15.53 -1.76
N ARG A 92 12.20 -15.87 -1.43
CA ARG A 92 11.32 -14.96 -0.69
C ARG A 92 10.48 -15.69 0.36
N LEU A 93 10.34 -15.09 1.54
CA LEU A 93 9.63 -15.73 2.66
C LEU A 93 8.56 -14.81 3.18
N PRO A 94 7.46 -14.66 2.41
CA PRO A 94 6.46 -13.65 2.75
C PRO A 94 5.58 -14.09 3.92
N TRP A 95 5.33 -13.18 4.86
CA TRP A 95 4.35 -13.43 5.91
C TRP A 95 2.93 -13.42 5.36
N LYS A 96 2.12 -14.33 5.86
CA LYS A 96 0.74 -14.40 5.45
C LYS A 96 -0.07 -14.96 6.62
N VAL A 97 -1.19 -14.32 6.94
CA VAL A 97 -2.00 -14.81 8.04
C VAL A 97 -2.85 -15.95 7.54
N GLU A 98 -2.80 -17.07 8.23
CA GLU A 98 -3.64 -18.22 7.90
C GLU A 98 -5.04 -18.01 8.47
N GLY A 99 -6.03 -17.87 7.59
CA GLY A 99 -7.41 -17.78 8.03
C GLY A 99 -7.77 -18.99 8.87
N GLU A 100 -8.73 -18.79 9.77
CA GLU A 100 -9.20 -19.82 10.71
C GLU A 100 -8.26 -20.06 11.90
N SER A 101 -6.96 -20.26 11.62
CA SER A 101 -5.98 -20.40 12.71
C SER A 101 -5.53 -19.04 13.21
N GLN A 102 -5.57 -18.04 12.34
CA GLN A 102 -5.13 -16.68 12.64
C GLN A 102 -3.62 -16.57 12.97
N GLU A 103 -2.85 -17.61 12.68
CA GLU A 103 -1.40 -17.60 12.87
C GLU A 103 -0.70 -16.87 11.73
N VAL A 104 0.32 -16.07 12.04
CA VAL A 104 1.17 -15.52 10.99
C VAL A 104 2.20 -16.59 10.56
N LYS A 105 2.13 -16.99 9.31
CA LYS A 105 3.00 -18.03 8.78
C LYS A 105 3.73 -17.43 7.59
N ILE A 106 4.82 -18.05 7.17
CA ILE A 106 5.41 -17.71 5.89
C ILE A 106 4.80 -18.62 4.84
N ALA A 107 4.72 -18.12 3.61
CA ALA A 107 4.09 -18.84 2.53
C ALA A 107 4.99 -18.83 1.30
N PRO A 108 6.13 -19.53 1.36
CA PRO A 108 7.13 -19.49 0.29
C PRO A 108 6.70 -20.22 -0.99
N LYS A 109 5.69 -21.08 -0.91
CA LYS A 109 5.17 -21.79 -2.10
C LYS A 109 4.01 -21.09 -2.81
N GLU A 110 3.39 -20.12 -2.14
CA GLU A 110 2.25 -19.40 -2.71
C GLU A 110 2.71 -18.67 -3.97
N GLU A 111 1.87 -18.63 -4.99
CA GLU A 111 2.20 -17.90 -6.22
C GLU A 111 2.02 -16.39 -6.00
N GLU A 112 2.88 -15.61 -6.65
CA GLU A 112 2.99 -14.16 -6.42
C GLU A 112 1.67 -13.41 -6.56
N GLN A 113 0.89 -13.80 -7.57
CA GLN A 113 -0.41 -13.18 -7.81
C GLN A 113 -1.36 -13.34 -6.62
N HIS A 114 -1.05 -14.28 -5.72
CA HIS A 114 -1.94 -14.51 -4.57
C HIS A 114 -1.36 -13.94 -3.29
N LEU A 115 -0.25 -13.22 -3.45
CA LEU A 115 0.41 -12.61 -2.30
C LEU A 115 0.31 -11.10 -2.34
N PHE A 116 -0.26 -10.54 -1.28
CA PHE A 116 -0.33 -9.10 -1.14
C PHE A 116 -0.04 -8.68 0.30
N GLY A 117 0.37 -7.44 0.46
CA GLY A 117 0.70 -6.94 1.79
C GLY A 117 -0.51 -6.41 2.52
N SER A 118 -0.85 -7.06 3.64
CA SER A 118 -2.05 -6.68 4.37
C SER A 118 -1.75 -6.14 5.75
N PHE A 119 -0.47 -5.96 6.04
CA PHE A 119 -0.07 -5.43 7.35
C PHE A 119 0.02 -3.93 7.40
N LYS A 120 -0.14 -3.38 8.60
CA LYS A 120 0.29 -2.00 8.81
C LYS A 120 1.13 -1.92 10.09
N ILE A 121 1.92 -0.86 10.18
CA ILE A 121 2.64 -0.56 11.43
C ILE A 121 2.02 0.68 12.02
N LYS A 122 1.62 0.64 13.30
CA LYS A 122 0.99 1.76 13.96
C LYS A 122 1.75 2.13 15.23
N PRO A 123 1.72 3.41 15.60
CA PRO A 123 2.30 3.87 16.87
C PRO A 123 1.51 3.22 17.99
N TYR A 124 2.20 2.81 19.03
CA TYR A 124 1.55 2.14 20.14
C TYR A 124 2.31 2.48 21.39
N ARG A 125 1.67 3.27 22.23
CA ARG A 125 2.31 3.80 23.42
C ARG A 125 3.60 4.50 23.01
N ASP A 126 4.75 4.04 23.48
CA ASP A 126 5.98 4.75 23.14
C ASP A 126 6.74 4.05 22.04
N ASP A 127 6.14 3.03 21.45
CA ASP A 127 6.76 2.32 20.33
C ASP A 127 5.73 2.00 19.28
N TYR A 128 5.68 0.74 18.82
CA TYR A 128 4.86 0.36 17.66
C TYR A 128 4.17 -0.96 17.89
N LYS A 129 3.15 -1.18 17.07
CA LYS A 129 2.54 -2.49 16.95
C LYS A 129 2.35 -2.84 15.47
N LEU A 130 2.21 -4.13 15.21
CA LEU A 130 1.87 -4.62 13.88
C LEU A 130 0.38 -4.90 13.88
N VAL A 131 -0.30 -4.59 12.79
CA VAL A 131 -1.71 -4.91 12.64
C VAL A 131 -1.92 -5.62 11.31
N TYR A 132 -2.98 -6.38 11.22
CA TYR A 132 -3.33 -7.11 10.01
C TYR A 132 -4.72 -6.63 9.63
N CYS A 133 -4.87 -6.21 8.38
CA CYS A 133 -6.14 -5.71 7.86
C CYS A 133 -6.75 -6.80 6.99
N GLU A 134 -7.93 -7.28 7.36
CA GLU A 134 -8.50 -8.48 6.73
C GLU A 134 -9.25 -8.16 5.44
N SER A 141 -11.16 -3.84 8.14
CA SER A 141 -10.61 -3.15 9.32
C SER A 141 -9.39 -3.89 9.89
N CYS A 142 -8.66 -3.22 10.77
CA CYS A 142 -7.37 -3.74 11.25
C CYS A 142 -7.39 -4.38 12.66
N LYS A 143 -6.60 -5.43 12.83
CA LYS A 143 -6.55 -6.12 14.10
C LYS A 143 -5.09 -6.27 14.56
N ASP A 144 -4.85 -6.07 15.84
CA ASP A 144 -3.49 -6.20 16.41
C ASP A 144 -2.91 -7.59 16.24
N LEU A 145 -1.60 -7.65 15.99
CA LEU A 145 -0.88 -8.92 16.11
C LEU A 145 -0.31 -9.03 17.52
N GLY A 146 -0.44 -10.22 18.11
CA GLY A 146 0.04 -10.46 19.46
C GLY A 146 0.56 -11.87 19.51
N ILE A 147 0.80 -12.35 20.71
CA ILE A 147 1.47 -13.63 20.90
C ILE A 147 0.50 -14.60 21.57
N SER A 148 0.44 -15.82 21.05
CA SER A 148 -0.35 -16.88 21.66
C SER A 148 0.60 -18.04 21.89
N ILE A 149 0.60 -18.62 23.09
CA ILE A 149 1.56 -19.69 23.37
C ILE A 149 0.94 -21.07 23.12
N ASP A 150 1.63 -21.90 22.34
CA ASP A 150 1.13 -23.24 22.03
C ASP A 150 1.58 -24.27 23.06
N ASP A 151 1.24 -25.52 22.79
CA ASP A 151 1.50 -26.64 23.71
C ASP A 151 2.98 -26.85 24.05
N GLU A 152 3.86 -26.49 23.12
CA GLU A 152 5.27 -26.69 23.30
C GLU A 152 5.96 -25.39 23.71
N ASN A 153 5.17 -24.41 24.14
CA ASN A 153 5.64 -23.11 24.61
C ASN A 153 6.27 -22.21 23.54
N ASN A 154 5.95 -22.50 22.27
CA ASN A 154 6.27 -21.59 21.18
C ASN A 154 5.44 -20.33 21.32
N ARG A 155 6.07 -19.19 21.10
CA ARG A 155 5.36 -17.91 21.18
C ARG A 155 4.86 -17.50 19.78
N LEU A 156 3.70 -18.01 19.38
CA LEU A 156 3.19 -17.77 18.04
C LEU A 156 2.75 -16.34 17.83
N LEU A 157 3.18 -15.72 16.75
CA LEU A 157 2.61 -14.44 16.36
C LEU A 157 1.28 -14.71 15.67
N VAL A 158 0.22 -14.09 16.18
CA VAL A 158 -1.14 -14.39 15.75
C VAL A 158 -1.91 -13.08 15.75
N VAL A 159 -3.06 -13.06 15.09
CA VAL A 159 -3.94 -11.91 15.20
C VAL A 159 -4.59 -12.00 16.57
N LYS A 160 -4.47 -10.94 17.36
CA LYS A 160 -4.90 -10.97 18.76
C LYS A 160 -5.37 -9.57 19.12
N ASP A 161 -6.55 -9.19 18.66
CA ASP A 161 -7.00 -7.81 18.80
C ASP A 161 -7.09 -7.38 20.25
N GLY A 162 -6.44 -6.25 20.56
CA GLY A 162 -6.48 -5.71 21.92
C GLY A 162 -5.37 -6.12 22.86
N ASP A 163 -4.49 -7.04 22.45
CA ASP A 163 -3.32 -7.42 23.27
C ASP A 163 -2.10 -7.46 22.34
N PRO A 164 -1.77 -6.30 21.74
CA PRO A 164 -0.73 -6.35 20.72
C PRO A 164 0.64 -6.62 21.32
N LEU A 165 1.51 -7.20 20.51
CA LEU A 165 2.92 -7.26 20.82
C LEU A 165 3.54 -5.89 20.50
N ALA A 166 4.04 -5.21 21.52
CA ALA A 166 4.74 -3.93 21.34
C ALA A 166 6.12 -4.20 20.76
N VAL A 167 6.48 -3.45 19.72
CA VAL A 167 7.72 -3.74 19.01
C VAL A 167 8.44 -2.47 18.64
N ARG A 168 9.72 -2.64 18.38
CA ARG A 168 10.49 -1.60 17.75
C ARG A 168 11.30 -2.19 16.63
N PHE A 169 11.85 -1.32 15.80
CA PHE A 169 12.50 -1.79 14.57
C PHE A 169 13.96 -1.40 14.64
N VAL A 170 14.85 -2.39 14.54
CA VAL A 170 16.29 -2.13 14.53
C VAL A 170 16.89 -2.45 13.16
N LYS A 171 17.61 -1.48 12.59
CA LYS A 171 18.27 -1.67 11.31
C LYS A 171 19.06 -2.95 11.30
N ALA A 172 18.84 -3.78 10.29
CA ALA A 172 19.62 -5.00 10.16
C ALA A 172 20.77 -4.71 9.21
N HIS A 173 21.96 -4.52 9.77
CA HIS A 173 23.16 -4.26 8.97
C HIS A 173 23.78 -5.57 8.44
N ARG A 174 24.09 -5.59 7.13
CA ARG A 174 25.06 -6.52 6.49
C ARG A 174 25.04 -6.43 4.96
N LYS B 1 -3.28 -4.51 -26.65
CA LYS B 1 -2.40 -3.39 -26.29
C LYS B 1 -1.88 -3.50 -24.85
N GLU B 2 -0.79 -2.80 -24.57
CA GLU B 2 -0.26 -2.70 -23.21
C GLU B 2 -0.55 -1.34 -22.64
N LEU B 3 -0.40 -1.20 -21.33
CA LEU B 3 -0.43 0.11 -20.70
C LEU B 3 0.98 0.66 -20.69
N LEU B 4 1.19 1.74 -21.44
CA LEU B 4 2.51 2.31 -21.63
C LEU B 4 2.52 3.77 -21.21
N ASP B 5 3.63 4.22 -20.65
CA ASP B 5 3.79 5.64 -20.42
C ASP B 5 4.25 6.33 -21.71
N SER B 6 4.51 7.64 -21.61
CA SER B 6 4.84 8.43 -22.78
C SER B 6 6.22 8.07 -23.38
N ASP B 7 7.02 7.33 -22.62
CA ASP B 7 8.32 6.88 -23.11
C ASP B 7 8.20 5.53 -23.83
N GLY B 8 7.00 4.97 -23.83
CA GLY B 8 6.75 3.65 -24.39
C GLY B 8 7.13 2.50 -23.48
N ASP B 9 7.37 2.79 -22.20
CA ASP B 9 7.61 1.74 -21.20
C ASP B 9 6.32 1.39 -20.49
N ILE B 10 6.21 0.12 -20.10
CA ILE B 10 4.98 -0.40 -19.50
C ILE B 10 4.85 0.27 -18.13
N LEU B 11 3.62 0.64 -17.76
CA LEU B 11 3.41 1.23 -16.42
C LEU B 11 3.92 0.33 -15.31
N ARG B 12 4.60 0.91 -14.32
CA ARG B 12 5.10 0.16 -13.18
C ARG B 12 4.09 0.11 -12.03
N ASN B 13 3.96 -1.04 -11.41
CA ASN B 13 3.14 -1.18 -10.23
C ASN B 13 3.72 -0.30 -9.15
N GLY B 14 2.94 0.68 -8.69
CA GLY B 14 3.41 1.62 -7.68
C GLY B 14 4.14 2.82 -8.23
N GLY B 15 4.21 2.93 -9.56
CA GLY B 15 4.92 4.02 -10.16
C GLY B 15 4.12 5.32 -10.03
N THR B 16 4.83 6.43 -10.11
CA THR B 16 4.22 7.74 -10.04
C THR B 16 4.19 8.41 -11.42
N TYR B 17 3.01 8.88 -11.84
CA TYR B 17 2.82 9.45 -13.17
C TYR B 17 1.94 10.69 -13.12
N TYR B 18 2.26 11.67 -13.98
CA TYR B 18 1.29 12.71 -14.30
C TYR B 18 0.28 12.10 -15.24
N ILE B 19 -0.99 12.39 -14.98
CA ILE B 19 -2.07 11.93 -15.85
C ILE B 19 -2.50 13.12 -16.68
N LEU B 20 -2.13 13.07 -17.95
CA LEU B 20 -2.29 14.23 -18.83
C LEU B 20 -3.33 13.94 -19.89
N PRO B 21 -3.90 15.00 -20.49
CA PRO B 21 -4.86 14.67 -21.53
C PRO B 21 -4.10 14.11 -22.75
N ALA B 22 -4.75 13.21 -23.48
CA ALA B 22 -4.19 12.71 -24.72
C ALA B 22 -4.36 13.81 -25.76
N LEU B 23 -5.48 14.51 -25.69
CA LEU B 23 -5.80 15.58 -26.63
C LEU B 23 -5.14 16.92 -26.26
N ARG B 24 -4.64 17.64 -27.26
CA ARG B 24 -4.01 18.94 -27.03
C ARG B 24 -4.95 20.09 -27.30
N GLY B 25 -5.60 20.57 -26.24
CA GLY B 25 -6.50 21.69 -26.35
C GLY B 25 -7.17 21.91 -25.01
N LYS B 26 -8.20 21.10 -24.75
CA LYS B 26 -8.91 21.18 -23.48
C LYS B 26 -8.09 20.66 -22.30
N GLY B 27 -7.50 21.61 -21.57
CA GLY B 27 -7.03 21.37 -20.24
C GLY B 27 -5.66 20.77 -20.06
N GLY B 28 -5.26 20.72 -18.80
CA GLY B 28 -3.97 20.20 -18.39
C GLY B 28 -4.19 18.92 -17.62
N GLY B 29 -3.28 18.65 -16.69
CA GLY B 29 -3.32 17.40 -15.95
C GLY B 29 -4.31 17.37 -14.80
N LEU B 30 -4.36 16.24 -14.13
CA LEU B 30 -5.29 16.07 -13.02
C LEU B 30 -4.72 16.62 -11.73
N GLU B 31 -5.59 17.25 -10.94
CA GLU B 31 -5.17 17.80 -9.68
C GLU B 31 -6.37 17.89 -8.73
N LEU B 32 -6.23 18.66 -7.65
CA LEU B 32 -7.28 18.81 -6.64
C LEU B 32 -7.93 20.18 -6.69
N ALA B 33 -9.19 20.26 -6.28
CA ALA B 33 -9.88 21.54 -6.21
C ALA B 33 -11.04 21.45 -5.24
N LYS B 34 -11.41 22.56 -4.62
CA LYS B 34 -12.62 22.58 -3.81
C LYS B 34 -13.82 22.89 -4.70
N THR B 35 -14.95 22.23 -4.41
CA THR B 35 -16.17 22.46 -5.17
C THR B 35 -17.33 22.56 -4.19
N GLY B 36 -18.39 23.25 -4.60
CA GLY B 36 -19.54 23.39 -3.74
C GLY B 36 -19.19 24.22 -2.52
N ASP B 37 -19.54 23.71 -1.35
CA ASP B 37 -19.34 24.44 -0.11
C ASP B 37 -18.06 24.04 0.60
N GLU B 38 -17.37 23.03 0.08
CA GLU B 38 -16.17 22.51 0.77
C GLU B 38 -15.01 23.49 0.86
N THR B 39 -14.42 23.57 2.05
CA THR B 39 -13.30 24.47 2.30
C THR B 39 -11.98 23.74 2.13
N CYS B 40 -12.06 22.45 1.78
CA CYS B 40 -10.89 21.65 1.50
C CYS B 40 -10.98 21.05 0.10
N PRO B 41 -9.89 21.14 -0.68
CA PRO B 41 -9.91 20.64 -2.07
C PRO B 41 -9.93 19.10 -2.13
N LEU B 42 -11.13 18.55 -2.20
CA LEU B 42 -11.30 17.09 -2.16
C LEU B 42 -11.68 16.53 -3.53
N ASN B 43 -12.02 17.37 -4.50
CA ASN B 43 -12.38 16.86 -5.81
C ASN B 43 -11.19 16.68 -6.73
N VAL B 44 -11.19 15.58 -7.49
CA VAL B 44 -10.22 15.41 -8.58
C VAL B 44 -10.78 16.15 -9.79
N VAL B 45 -9.95 17.00 -10.36
CA VAL B 45 -10.35 17.86 -11.46
C VAL B 45 -9.23 17.87 -12.48
N GLN B 46 -9.57 18.25 -13.70
CA GLN B 46 -8.58 18.56 -14.71
C GLN B 46 -8.27 20.03 -14.59
N ALA B 47 -6.99 20.35 -14.53
CA ALA B 47 -6.56 21.73 -14.53
C ALA B 47 -7.08 22.37 -15.79
N ARG B 48 -7.54 23.61 -15.69
CA ARG B 48 -8.12 24.27 -16.84
C ARG B 48 -7.04 24.73 -17.82
N SER B 49 -5.90 25.15 -17.27
CA SER B 49 -4.79 25.62 -18.07
C SER B 49 -4.02 24.46 -18.68
N GLU B 50 -3.89 24.51 -20.01
CA GLU B 50 -3.14 23.53 -20.77
C GLU B 50 -1.70 23.44 -20.30
N THR B 51 -1.19 24.50 -19.66
CA THR B 51 0.20 24.51 -19.21
C THR B 51 0.43 23.73 -17.91
N LYS B 52 -0.63 23.46 -17.15
CA LYS B 52 -0.49 22.83 -15.84
C LYS B 52 -0.48 21.31 -15.94
N ARG B 53 0.54 20.68 -15.40
CA ARG B 53 0.62 19.23 -15.50
C ARG B 53 -0.09 18.57 -14.35
N GLY B 54 -0.39 19.35 -13.32
CA GLY B 54 -1.19 18.84 -12.22
C GLY B 54 -0.38 18.12 -11.18
N ARG B 55 -1.03 17.20 -10.51
CA ARG B 55 -0.43 16.51 -9.38
C ARG B 55 -0.15 15.06 -9.76
N PRO B 56 1.07 14.59 -9.56
CA PRO B 56 1.37 13.21 -9.92
C PRO B 56 0.58 12.21 -9.08
N ALA B 57 0.28 11.07 -9.67
CA ALA B 57 -0.46 10.03 -8.97
C ALA B 57 0.35 8.74 -8.90
N ILE B 58 0.17 8.02 -7.80
CA ILE B 58 0.77 6.72 -7.64
C ILE B 58 -0.33 5.75 -8.04
N ILE B 59 0.01 4.80 -8.89
CA ILE B 59 -0.98 3.84 -9.35
C ILE B 59 -0.43 2.49 -9.00
N TRP B 60 -1.23 1.68 -8.29
CA TRP B 60 -0.73 0.38 -7.84
C TRP B 60 -1.82 -0.67 -7.57
N THR B 61 -1.35 -1.90 -7.40
CA THR B 61 -2.21 -3.03 -7.14
C THR B 61 -1.44 -3.89 -6.15
N PRO B 62 -2.16 -4.52 -5.21
CA PRO B 62 -1.47 -5.23 -4.11
C PRO B 62 -0.54 -6.37 -4.52
N PRO B 63 -0.90 -7.20 -5.52
CA PRO B 63 0.01 -8.32 -5.82
C PRO B 63 1.42 -7.93 -6.20
N ARG B 64 2.31 -8.88 -5.97
CA ARG B 64 3.72 -8.73 -6.22
C ARG B 64 4.01 -8.97 -7.71
N ILE B 65 3.68 -7.97 -8.52
CA ILE B 65 3.90 -7.99 -9.95
C ILE B 65 4.50 -6.62 -10.27
N ALA B 66 5.48 -6.58 -11.16
CA ALA B 66 6.25 -5.35 -11.38
C ALA B 66 5.48 -4.36 -12.23
N ILE B 67 4.58 -4.84 -13.06
CA ILE B 67 3.92 -3.96 -14.02
C ILE B 67 2.44 -3.97 -13.82
N LEU B 68 1.74 -3.13 -14.60
CA LEU B 68 0.29 -3.05 -14.56
C LEU B 68 -0.30 -3.43 -15.93
N THR B 69 -1.45 -4.08 -15.92
CA THR B 69 -2.16 -4.41 -17.15
C THR B 69 -3.60 -3.89 -16.98
N PRO B 70 -4.39 -3.89 -18.06
CA PRO B 70 -5.80 -3.48 -17.96
C PRO B 70 -6.67 -4.35 -17.06
N ALA B 71 -6.18 -5.51 -16.63
CA ALA B 71 -6.99 -6.45 -15.85
C ALA B 71 -6.94 -6.15 -14.34
N PHE B 72 -5.90 -5.44 -13.92
CA PHE B 72 -5.64 -5.19 -12.50
C PHE B 72 -6.57 -4.11 -11.91
N TYR B 73 -7.14 -4.41 -10.75
CA TYR B 73 -7.76 -3.41 -9.91
C TYR B 73 -6.69 -2.54 -9.27
N LEU B 74 -6.88 -1.23 -9.37
CA LEU B 74 -5.88 -0.28 -8.94
C LEU B 74 -6.44 0.66 -7.91
N ASN B 75 -5.59 1.00 -6.95
CA ASN B 75 -5.74 2.25 -6.23
C ASN B 75 -5.01 3.30 -7.03
N ILE B 76 -5.64 4.46 -7.17
CA ILE B 76 -4.97 5.63 -7.68
C ILE B 76 -4.95 6.65 -6.55
N GLU B 77 -3.80 7.27 -6.35
CA GLU B 77 -3.68 8.21 -5.25
C GLU B 77 -2.70 9.31 -5.54
N PHE B 78 -3.08 10.52 -5.18
CA PHE B 78 -2.24 11.67 -5.44
C PHE B 78 -1.06 11.70 -4.50
N GLN B 79 0.08 12.08 -5.03
CA GLN B 79 1.27 12.33 -4.24
C GLN B 79 1.02 13.52 -3.30
N THR B 80 1.74 13.57 -2.19
CA THR B 80 1.46 14.52 -1.11
C THR B 80 2.36 15.76 -0.99
N ARG B 81 3.02 16.19 -2.06
CA ARG B 81 3.84 17.41 -1.95
C ARG B 81 2.96 18.65 -2.03
N ASP B 82 3.38 19.72 -1.37
CA ASP B 82 2.76 21.01 -1.53
C ASP B 82 1.30 21.04 -1.29
N LEU B 83 0.86 20.47 -0.19
CA LEU B 83 -0.56 20.37 0.12
C LEU B 83 -1.03 21.56 0.92
N PRO B 84 -2.33 21.88 0.82
CA PRO B 84 -2.90 22.90 1.70
C PRO B 84 -2.96 22.37 3.12
N ALA B 85 -2.99 23.28 4.10
CA ALA B 85 -2.91 22.93 5.51
C ALA B 85 -3.94 21.90 5.93
N CYS B 86 -5.13 21.99 5.36
CA CYS B 86 -6.21 21.08 5.73
C CYS B 86 -5.90 19.61 5.35
N LEU B 87 -4.98 19.40 4.40
CA LEU B 87 -4.58 18.05 3.99
C LEU B 87 -3.19 17.62 4.47
N GLU B 88 -2.43 18.54 5.05
CA GLU B 88 -0.99 18.31 5.29
C GLU B 88 -0.67 17.13 6.20
N GLU B 89 -1.61 16.79 7.08
CA GLU B 89 -1.45 15.67 8.02
C GLU B 89 -1.56 14.28 7.38
N TYR B 90 -2.09 14.21 6.18
CA TYR B 90 -2.39 12.93 5.56
C TYR B 90 -1.23 12.49 4.70
N SER B 91 -0.82 11.22 4.83
CA SER B 91 0.30 10.70 4.05
C SER B 91 -0.18 9.94 2.81
N ARG B 92 -1.49 9.72 2.71
CA ARG B 92 -2.06 9.09 1.52
C ARG B 92 -3.33 9.81 1.09
N LEU B 93 -3.48 9.99 -0.22
CA LEU B 93 -4.66 10.63 -0.77
C LEU B 93 -5.22 9.75 -1.88
N PRO B 94 -5.81 8.60 -1.53
CA PRO B 94 -6.37 7.75 -2.59
C PRO B 94 -7.67 8.28 -3.12
N TRP B 95 -7.90 8.00 -4.40
CA TRP B 95 -9.14 8.38 -5.05
C TRP B 95 -10.29 7.48 -4.62
N LYS B 96 -11.50 8.03 -4.64
CA LYS B 96 -12.72 7.26 -4.48
C LYS B 96 -13.79 7.90 -5.33
N VAL B 97 -14.89 7.18 -5.56
CA VAL B 97 -16.06 7.78 -6.17
C VAL B 97 -17.09 8.07 -5.09
N GLU B 98 -17.46 9.34 -4.94
CA GLU B 98 -18.50 9.71 -4.01
C GLU B 98 -19.81 9.23 -4.62
N GLY B 99 -20.35 8.15 -4.09
CA GLY B 99 -21.56 7.54 -4.61
C GLY B 99 -22.79 8.38 -4.32
N GLU B 100 -23.17 9.17 -5.32
CA GLU B 100 -24.34 10.05 -5.31
C GLU B 100 -24.11 10.98 -6.49
N SER B 101 -23.12 11.85 -6.30
CA SER B 101 -22.68 12.77 -7.34
C SER B 101 -21.89 12.02 -8.42
N GLN B 102 -21.38 10.84 -8.05
CA GLN B 102 -20.48 10.07 -8.90
C GLN B 102 -19.21 10.84 -9.25
N GLU B 103 -18.83 11.76 -8.37
CA GLU B 103 -17.58 12.51 -8.52
C GLU B 103 -16.42 11.71 -7.95
N VAL B 104 -15.24 11.88 -8.56
CA VAL B 104 -14.01 11.27 -8.08
C VAL B 104 -13.42 12.24 -7.08
N LYS B 105 -13.12 11.76 -5.89
CA LYS B 105 -12.71 12.64 -4.80
C LYS B 105 -11.58 11.93 -4.12
N ILE B 106 -10.80 12.63 -3.30
CA ILE B 106 -9.81 11.87 -2.52
C ILE B 106 -10.48 11.52 -1.19
N ALA B 107 -9.96 10.47 -0.55
CA ALA B 107 -10.49 9.94 0.68
C ALA B 107 -9.32 9.80 1.66
N PRO B 108 -8.92 10.92 2.28
CA PRO B 108 -7.75 10.96 3.17
C PRO B 108 -7.96 10.24 4.51
N LYS B 109 -9.20 9.99 4.90
CA LYS B 109 -9.49 9.31 6.17
C LYS B 109 -9.23 7.81 6.04
N GLU B 110 -8.39 7.28 6.93
CA GLU B 110 -8.01 5.88 6.86
C GLU B 110 -9.21 4.92 6.79
N GLU B 111 -10.22 5.19 7.62
CA GLU B 111 -11.46 4.40 7.63
C GLU B 111 -12.06 4.14 6.25
N GLU B 112 -11.79 5.02 5.29
CA GLU B 112 -12.40 4.90 3.98
C GLU B 112 -11.48 4.26 2.94
N GLN B 113 -10.24 3.97 3.32
CA GLN B 113 -9.26 3.42 2.39
C GLN B 113 -9.30 1.90 2.29
N HIS B 114 -8.88 1.36 1.15
CA HIS B 114 -8.92 -0.08 0.94
C HIS B 114 -7.63 -0.57 0.37
N LEU B 115 -7.32 -1.83 0.59
CA LEU B 115 -6.14 -2.45 0.03
C LEU B 115 -6.33 -2.63 -1.48
N PHE B 116 -7.50 -3.13 -1.88
CA PHE B 116 -7.83 -3.30 -3.28
C PHE B 116 -8.67 -2.15 -3.78
N GLY B 117 -8.15 -1.46 -4.79
CA GLY B 117 -8.80 -0.29 -5.35
C GLY B 117 -9.93 -0.68 -6.27
N SER B 118 -10.61 0.32 -6.80
CA SER B 118 -11.74 0.06 -7.68
C SER B 118 -11.56 0.65 -9.10
N PHE B 119 -10.34 1.06 -9.43
CA PHE B 119 -10.12 1.66 -10.73
C PHE B 119 -9.37 0.68 -11.63
N LYS B 120 -9.53 0.87 -12.93
CA LYS B 120 -8.67 0.17 -13.91
C LYS B 120 -8.22 1.17 -14.96
N ILE B 121 -7.17 0.82 -15.67
CA ILE B 121 -6.77 1.61 -16.83
C ILE B 121 -6.97 0.74 -18.04
N LYS B 122 -7.72 1.24 -19.03
CA LYS B 122 -8.03 0.52 -20.27
C LYS B 122 -7.49 1.26 -21.48
N PRO B 123 -7.11 0.50 -22.52
CA PRO B 123 -6.75 1.20 -23.76
C PRO B 123 -7.96 1.95 -24.32
N TYR B 124 -7.69 3.12 -24.90
CA TYR B 124 -8.76 3.89 -25.49
C TYR B 124 -8.21 4.57 -26.73
N ARG B 125 -8.64 4.11 -27.90
CA ARG B 125 -8.04 4.54 -29.17
C ARG B 125 -6.53 4.38 -29.15
N ASP B 126 -5.81 5.47 -29.37
CA ASP B 126 -4.34 5.42 -29.29
C ASP B 126 -3.78 5.71 -27.90
N ASP B 127 -4.66 5.99 -26.95
CA ASP B 127 -4.19 6.28 -25.60
C ASP B 127 -4.91 5.44 -24.58
N TYR B 128 -5.27 6.03 -23.45
CA TYR B 128 -5.91 5.29 -22.35
C TYR B 128 -7.12 6.02 -21.81
N LYS B 129 -7.89 5.30 -20.99
CA LYS B 129 -8.98 5.89 -20.26
C LYS B 129 -8.95 5.25 -18.87
N LEU B 130 -9.47 5.98 -17.90
CA LEU B 130 -9.61 5.47 -16.56
C LEU B 130 -11.02 4.96 -16.41
N VAL B 131 -11.18 3.84 -15.72
CA VAL B 131 -12.52 3.36 -15.47
C VAL B 131 -12.70 3.02 -13.99
N TYR B 132 -13.96 3.01 -13.58
CA TYR B 132 -14.33 2.72 -12.20
C TYR B 132 -15.17 1.46 -12.18
N CYS B 133 -14.73 0.52 -11.35
CA CYS B 133 -15.41 -0.77 -11.23
C CYS B 133 -15.90 -0.94 -9.80
N GLU B 134 -17.11 -0.46 -9.55
CA GLU B 134 -17.69 -0.42 -8.21
C GLU B 134 -17.74 -1.81 -7.56
N SER B 141 -20.44 -3.42 -15.42
CA SER B 141 -19.15 -3.90 -14.94
C SER B 141 -18.20 -2.73 -14.57
N CYS B 142 -17.53 -2.17 -15.57
CA CYS B 142 -16.74 -0.94 -15.37
C CYS B 142 -17.38 0.22 -16.12
N LYS B 143 -17.22 1.43 -15.58
CA LYS B 143 -17.74 2.63 -16.23
C LYS B 143 -16.63 3.66 -16.41
N ASP B 144 -16.66 4.33 -17.55
CA ASP B 144 -15.65 5.33 -17.90
C ASP B 144 -15.65 6.52 -16.93
N LEU B 145 -14.46 7.02 -16.61
CA LEU B 145 -14.31 8.33 -15.99
C LEU B 145 -14.16 9.43 -17.04
N GLY B 146 -14.91 10.51 -16.86
CA GLY B 146 -14.91 11.59 -17.83
C GLY B 146 -15.03 12.93 -17.15
N ILE B 147 -15.04 13.99 -17.96
CA ILE B 147 -15.07 15.32 -17.41
C ILE B 147 -16.48 15.91 -17.49
N SER B 148 -16.97 16.43 -16.36
CA SER B 148 -18.19 17.22 -16.44
C SER B 148 -17.92 18.58 -15.84
N ILE B 149 -18.27 19.61 -16.59
CA ILE B 149 -17.91 20.95 -16.18
C ILE B 149 -19.03 21.55 -15.35
N ASP B 150 -18.73 21.96 -14.12
CA ASP B 150 -19.78 22.56 -13.29
C ASP B 150 -19.99 24.04 -13.65
N ASP B 151 -20.93 24.70 -12.98
CA ASP B 151 -21.22 26.06 -13.39
C ASP B 151 -20.18 27.09 -12.89
N GLU B 152 -19.15 26.61 -12.19
CA GLU B 152 -18.01 27.44 -11.80
C GLU B 152 -16.80 27.16 -12.70
N ASN B 153 -17.05 26.45 -13.81
CA ASN B 153 -16.03 26.04 -14.78
C ASN B 153 -14.98 25.06 -14.27
N ASN B 154 -15.25 24.43 -13.13
CA ASN B 154 -14.40 23.33 -12.69
C ASN B 154 -14.61 22.12 -13.60
N ARG B 155 -13.50 21.49 -14.02
CA ARG B 155 -13.55 20.30 -14.86
C ARG B 155 -13.45 19.05 -13.97
N LEU B 156 -14.59 18.65 -13.41
CA LEU B 156 -14.63 17.56 -12.46
C LEU B 156 -14.47 16.22 -13.15
N LEU B 157 -13.61 15.38 -12.57
CA LEU B 157 -13.52 14.00 -13.00
C LEU B 157 -14.67 13.21 -12.35
N VAL B 158 -15.55 12.65 -13.18
CA VAL B 158 -16.74 11.99 -12.68
C VAL B 158 -16.95 10.69 -13.44
N VAL B 159 -17.81 9.82 -12.91
CA VAL B 159 -18.19 8.64 -13.67
C VAL B 159 -19.09 9.14 -14.79
N LYS B 160 -18.70 8.88 -16.03
CA LYS B 160 -19.44 9.38 -17.17
C LYS B 160 -19.37 8.30 -18.26
N ASP B 161 -20.13 7.24 -18.08
CA ASP B 161 -20.01 6.10 -18.98
C ASP B 161 -20.25 6.47 -20.46
N GLY B 162 -19.36 6.01 -21.33
CA GLY B 162 -19.50 6.32 -22.74
C GLY B 162 -18.81 7.59 -23.21
N ASP B 163 -18.34 8.41 -22.26
CA ASP B 163 -17.63 9.64 -22.63
C ASP B 163 -16.35 9.82 -21.81
N PRO B 164 -15.38 8.92 -22.01
CA PRO B 164 -14.17 8.95 -21.19
C PRO B 164 -13.26 10.11 -21.50
N LEU B 165 -12.53 10.53 -20.49
CA LEU B 165 -11.40 11.44 -20.67
C LEU B 165 -10.22 10.61 -21.21
N ALA B 166 -9.79 10.90 -22.43
CA ALA B 166 -8.60 10.21 -22.95
C ALA B 166 -7.36 10.71 -22.23
N VAL B 167 -6.51 9.81 -21.74
CA VAL B 167 -5.34 10.21 -20.96
C VAL B 167 -4.08 9.51 -21.39
N ARG B 168 -2.96 10.10 -21.04
CA ARG B 168 -1.67 9.44 -21.18
C ARG B 168 -0.91 9.68 -19.90
N PHE B 169 0.11 8.88 -19.68
CA PHE B 169 0.86 8.87 -18.43
C PHE B 169 2.30 9.27 -18.65
N VAL B 170 2.79 10.23 -17.86
CA VAL B 170 4.19 10.64 -17.95
C VAL B 170 4.91 10.40 -16.61
N LYS B 171 6.02 9.67 -16.65
CA LYS B 171 6.83 9.45 -15.45
C LYS B 171 7.01 10.74 -14.69
N ALA B 172 6.68 10.74 -13.41
CA ALA B 172 6.84 11.96 -12.62
C ALA B 172 8.30 12.12 -12.22
N HIS B 173 9.03 11.00 -12.15
CA HIS B 173 10.45 10.99 -11.78
C HIS B 173 11.29 10.23 -12.80
N1 IMD C . 18.30 -0.85 7.39
C2 IMD C . 17.79 0.27 6.84
N3 IMD C . 17.32 -0.02 5.61
C4 IMD C . 17.53 -1.35 5.36
C5 IMD C . 18.15 -1.87 6.49
C1 GOL D . 15.79 -3.10 21.75
O1 GOL D . 15.55 -2.07 20.82
C2 GOL D . 14.54 -3.93 22.01
O2 GOL D . 13.48 -3.07 22.36
C3 GOL D . 14.74 -4.89 23.17
O3 GOL D . 15.40 -6.06 22.74
N1 IMD E . 5.80 -3.69 -6.59
C2 IMD E . 6.21 -4.85 -7.17
N3 IMD E . 7.53 -4.75 -7.45
C4 IMD E . 7.96 -3.53 -7.05
C5 IMD E . 6.86 -2.86 -6.51
C1 GOL F . 7.70 6.91 -12.74
O1 GOL F . 7.92 8.13 -12.09
C2 GOL F . 8.41 5.75 -12.04
O2 GOL F . 8.13 4.58 -12.77
C3 GOL F . 7.97 5.58 -10.59
O3 GOL F . 7.84 6.81 -9.91
#